data_9L3P
#
_entry.id   9L3P
#
_cell.length_a   112.596
_cell.length_b   116.463
_cell.length_c   105.418
_cell.angle_alpha   90.000
_cell.angle_beta   90.000
_cell.angle_gamma   90.000
#
_symmetry.space_group_name_H-M   'C 2 2 21'
#
loop_
_entity.id
_entity.type
_entity.pdbx_description
1 polymer 'Glycoside hydrolase superfamily'
2 branched alpha-D-mannopyranose-(1-3)-alpha-D-mannopyranose-(1-6)-beta-D-mannopyranose-(1-4)-2-acetamido-2-deoxy-beta-D-glucopyranose-(1-4)-2-acetamido-2-deoxy-beta-D-glucopyranose
3 branched alpha-D-mannopyranose-(1-2)-alpha-D-mannopyranose-(1-2)-alpha-D-mannopyranose-(1-3)-beta-D-mannopyranose-(1-4)-2-acetamido-2-deoxy-beta-D-glucopyranose-(1-4)-2-acetamido-2-deoxy-beta-D-glucopyranose
4 branched beta-D-galactopyranose-(1-2)-alpha-D-xylopyranose-(1-6)-[beta-D-glucopyranose-(1-4)]beta-D-glucopyranose-(1-4)-[beta-D-galactopyranose-(1-2)-alpha-D-xylopyranose-(1-6)]beta-D-glucopyranose-(1-4)-[alpha-D-xylopyranose-(1-6)]alpha-D-glucopyranose
5 branched beta-D-galactopyranose-(1-2)-alpha-D-xylopyranose-(1-6)-beta-D-glucopyranose
6 non-polymer 2-acetamido-2-deoxy-beta-D-glucopyranose
7 non-polymer alpha-D-mannopyranose
8 water water
#
_entity_poly.entity_id   1
_entity_poly.type   'polypeptide(L)'
_entity_poly.pdbx_seq_one_letter_code
;MRFPSIFTAVLFAASSALAAPVNTTTEDETAQIPAEAVIGYSDLEGDFDVAVLPFSNSTNNGLLFINTTIASIAAKEEGV
SLEKREAEALSANCTGSFDAISASDFVANINPGWNLGNSLDATPNEDSWNNPTVQESTFDYVKAAGFKSVRLPVTWTHHF
TSESPDWTVDPKWLQRVSDVIDMITSRGLYTIVNVHHDSWEWADVTKSDANITQIEQKFEKLWYQIGTKLACKSSMVAFE
TINEPPCNTAEDGAKINKFNEIFLRAINRAGGFNAKRVVNLVGGGMDSVKTSQWFKTPANITNPWALQFHFYSPYDFIFS
AWGKTIWGSDSDKSELDSTLGLLRGNFTDVPIVLGAFDASPTNTEPAARWKYHDYLIRSTKKYNMSPIIWDNGLDHLDRS
SGIWRDPVSIEIITNGNETNSLPDSTVDTSAPSQSSSAYIYHKVGTEVTDQTLPFIFNDNTLVSIQDSKGTTLKADTDYT
VSGSNITFPASFLSTYYSETSEPGLLPNFTLKFSSGASPVVQLVQWDTPTLSKTSAAASSISGSDLSIPITWKGLPKLAT
VKALLNNGTYLVDDFTQWFGPFGEARTTYSNQWNWDDKNVILTQATVEAVVAAGQDTVFTFEFFPRVDTTTNTVNFTLTV
VDHHHHHH
;
_entity_poly.pdbx_strand_id   A
#
# COMPACT_ATOMS: atom_id res chain seq x y z
N ALA A 92 11.11 -34.73 7.74
CA ALA A 92 11.82 -34.79 9.00
C ALA A 92 10.97 -35.44 10.10
N ASN A 93 11.56 -35.63 11.28
CA ASN A 93 10.87 -36.20 12.44
C ASN A 93 10.73 -35.12 13.50
N CYS A 94 9.50 -34.78 13.84
CA CYS A 94 9.16 -33.68 14.72
C CYS A 94 8.98 -34.15 16.15
N THR A 95 9.16 -33.22 17.07
CA THR A 95 9.12 -33.51 18.49
C THR A 95 7.91 -32.91 19.20
N GLY A 96 7.51 -31.69 18.86
CA GLY A 96 6.46 -31.02 19.60
C GLY A 96 5.10 -31.62 19.32
N SER A 97 4.08 -30.92 19.81
CA SER A 97 2.71 -31.17 19.41
C SER A 97 2.34 -30.20 18.31
N PHE A 98 1.40 -30.61 17.48
CA PHE A 98 0.90 -29.77 16.40
C PHE A 98 -0.61 -29.79 16.56
N ASP A 99 -1.18 -28.68 17.04
CA ASP A 99 -2.61 -28.60 17.27
C ASP A 99 -3.25 -28.18 15.95
N ALA A 100 -3.69 -29.17 15.17
CA ALA A 100 -4.19 -28.91 13.83
C ALA A 100 -5.39 -27.96 13.90
N ILE A 101 -5.51 -27.14 12.85
CA ILE A 101 -6.54 -26.12 12.81
C ILE A 101 -7.12 -26.08 11.41
N SER A 102 -8.43 -25.89 11.32
CA SER A 102 -9.06 -25.83 10.01
C SER A 102 -8.74 -24.50 9.31
N ALA A 103 -8.79 -24.54 7.98
CA ALA A 103 -8.55 -23.34 7.18
C ALA A 103 -9.50 -22.20 7.57
N SER A 104 -10.75 -22.52 7.86
N SER A 104 -10.75 -22.52 7.85
CA SER A 104 -11.70 -21.49 8.28
CA SER A 104 -11.68 -21.47 8.27
C SER A 104 -11.28 -20.87 9.61
C SER A 104 -11.28 -20.87 9.61
N ASP A 105 -10.74 -21.69 10.51
CA ASP A 105 -10.33 -21.18 11.83
C ASP A 105 -9.04 -20.37 11.74
N PHE A 106 -8.07 -20.88 10.98
CA PHE A 106 -6.85 -20.14 10.72
C PHE A 106 -7.16 -18.76 10.16
N VAL A 107 -8.06 -18.71 9.18
CA VAL A 107 -8.36 -17.43 8.53
C VAL A 107 -9.11 -16.50 9.49
N ALA A 108 -9.97 -17.03 10.34
CA ALA A 108 -10.55 -16.20 11.39
C ALA A 108 -9.47 -15.65 12.31
N ASN A 109 -8.53 -16.51 12.74
CA ASN A 109 -7.57 -16.14 13.78
C ASN A 109 -6.47 -15.20 13.31
N ILE A 110 -6.24 -15.09 12.01
CA ILE A 110 -5.19 -14.18 11.59
C ILE A 110 -5.70 -12.75 11.47
N ASN A 111 -7.02 -12.56 11.47
CA ASN A 111 -7.62 -11.25 11.17
C ASN A 111 -7.27 -10.23 12.25
N PRO A 112 -6.49 -9.17 11.94
CA PRO A 112 -5.84 -8.81 10.68
C PRO A 112 -4.33 -8.99 10.72
N GLY A 113 -3.67 -8.96 9.55
CA GLY A 113 -2.25 -9.20 9.46
C GLY A 113 -1.48 -7.97 9.02
N TRP A 114 -0.17 -8.07 9.12
CA TRP A 114 0.73 -7.04 8.67
C TRP A 114 1.83 -7.71 7.88
N ASN A 115 2.21 -7.11 6.76
CA ASN A 115 3.33 -7.61 5.99
C ASN A 115 4.64 -7.04 6.52
N LEU A 116 5.64 -7.92 6.74
CA LEU A 116 7.04 -7.52 6.93
C LEU A 116 7.66 -7.30 5.56
N GLY A 117 7.21 -6.22 4.92
CA GLY A 117 7.60 -5.97 3.57
C GLY A 117 9.02 -5.46 3.45
N ASN A 118 9.63 -5.73 2.30
CA ASN A 118 10.95 -5.26 1.94
C ASN A 118 12.03 -5.77 2.91
N SER A 119 11.78 -6.92 3.56
CA SER A 119 12.75 -7.51 4.46
C SER A 119 13.29 -8.79 3.83
N LEU A 120 12.79 -9.96 4.20
CA LEU A 120 13.33 -11.19 3.63
C LEU A 120 12.96 -11.33 2.16
N ASP A 121 12.06 -10.48 1.65
CA ASP A 121 11.77 -10.41 0.22
C ASP A 121 12.67 -9.44 -0.53
N ALA A 122 13.52 -8.69 0.16
CA ALA A 122 14.41 -7.76 -0.51
C ALA A 122 15.57 -8.51 -1.17
N THR A 123 16.10 -7.92 -2.23
CA THR A 123 17.12 -8.62 -2.98
C THR A 123 18.41 -7.81 -3.03
N PRO A 124 19.56 -8.47 -2.93
CA PRO A 124 19.73 -9.91 -2.71
C PRO A 124 19.45 -10.34 -1.27
N ASN A 125 19.72 -9.48 -0.29
CA ASN A 125 19.65 -9.80 1.12
C ASN A 125 18.60 -8.96 1.81
N GLU A 126 18.38 -9.24 3.10
CA GLU A 126 17.27 -8.62 3.81
C GLU A 126 17.51 -7.14 4.10
N ASP A 127 18.75 -6.69 4.23
CA ASP A 127 19.02 -5.28 4.41
C ASP A 127 19.38 -4.60 3.10
N SER A 128 19.11 -5.25 1.96
CA SER A 128 19.57 -4.72 0.69
C SER A 128 18.73 -3.54 0.21
N TRP A 129 17.52 -3.37 0.73
CA TRP A 129 16.68 -2.26 0.33
C TRP A 129 16.61 -1.27 1.48
N ASN A 130 15.42 -0.73 1.78
CA ASN A 130 15.30 0.33 2.77
C ASN A 130 15.24 -0.16 4.19
N ASN A 131 15.24 -1.45 4.38
CA ASN A 131 15.09 -1.84 5.76
C ASN A 131 16.41 -2.37 6.34
N PRO A 132 16.65 -2.14 7.62
CA PRO A 132 17.79 -2.78 8.27
C PRO A 132 17.45 -4.23 8.59
N THR A 133 18.48 -5.00 8.93
CA THR A 133 18.35 -6.35 9.44
C THR A 133 17.17 -6.49 10.41
N VAL A 134 16.37 -7.55 10.22
CA VAL A 134 15.12 -7.70 10.96
C VAL A 134 15.38 -7.95 12.44
N GLN A 135 14.77 -7.12 13.29
CA GLN A 135 14.93 -7.17 14.74
C GLN A 135 13.58 -7.50 15.38
N GLU A 136 13.64 -8.21 16.51
CA GLU A 136 12.45 -8.84 17.05
C GLU A 136 11.50 -7.86 17.74
N SER A 137 11.98 -6.68 18.13
CA SER A 137 11.08 -5.68 18.71
C SER A 137 10.02 -5.26 17.72
N THR A 138 10.29 -5.40 16.42
CA THR A 138 9.30 -5.06 15.41
C THR A 138 7.98 -5.80 15.65
N PHE A 139 8.05 -7.10 15.96
CA PHE A 139 6.85 -7.90 16.15
C PHE A 139 6.16 -7.59 17.47
N ASP A 140 6.87 -7.02 18.44
CA ASP A 140 6.21 -6.47 19.62
C ASP A 140 5.36 -5.28 19.26
N TYR A 141 5.89 -4.40 18.39
CA TYR A 141 5.08 -3.27 17.94
C TYR A 141 3.86 -3.74 17.21
N VAL A 142 4.05 -4.73 16.33
CA VAL A 142 2.97 -5.25 15.52
C VAL A 142 1.91 -5.90 16.41
N LYS A 143 2.34 -6.70 17.38
CA LYS A 143 1.35 -7.28 18.28
C LYS A 143 0.64 -6.18 19.06
N ALA A 144 1.38 -5.22 19.63
CA ALA A 144 0.77 -4.18 20.46
C ALA A 144 -0.22 -3.30 19.69
N ALA A 145 -0.13 -3.26 18.36
CA ALA A 145 -1.05 -2.49 17.53
C ALA A 145 -2.39 -3.19 17.35
N GLY A 146 -2.51 -4.47 17.68
CA GLY A 146 -3.72 -5.21 17.42
C GLY A 146 -3.67 -6.16 16.24
N PHE A 147 -2.52 -6.33 15.60
CA PHE A 147 -2.45 -7.35 14.57
C PHE A 147 -2.35 -8.72 15.22
N LYS A 148 -2.84 -9.71 14.49
CA LYS A 148 -2.92 -11.08 14.94
C LYS A 148 -2.01 -12.00 14.14
N SER A 149 -1.43 -11.50 13.06
CA SER A 149 -0.64 -12.34 12.17
C SER A 149 0.35 -11.48 11.42
N VAL A 150 1.46 -12.08 11.01
CA VAL A 150 2.46 -11.39 10.21
C VAL A 150 2.59 -12.20 8.94
N ARG A 151 2.44 -11.55 7.79
CA ARG A 151 2.75 -12.20 6.52
C ARG A 151 4.22 -11.96 6.23
N LEU A 152 4.94 -13.04 5.94
CA LEU A 152 6.39 -13.06 5.86
C LEU A 152 6.83 -13.33 4.42
N PRO A 153 6.94 -12.30 3.60
CA PRO A 153 7.43 -12.50 2.22
C PRO A 153 8.91 -12.85 2.21
N VAL A 154 9.29 -13.80 1.37
CA VAL A 154 10.68 -14.24 1.30
C VAL A 154 11.07 -14.42 -0.17
N THR A 155 12.14 -13.75 -0.58
CA THR A 155 12.68 -13.91 -1.93
C THR A 155 13.88 -14.83 -1.85
N TRP A 156 13.76 -15.97 -2.53
CA TRP A 156 14.74 -17.04 -2.50
C TRP A 156 15.79 -16.89 -3.59
N THR A 157 15.45 -16.19 -4.67
CA THR A 157 16.31 -16.00 -5.84
C THR A 157 17.80 -16.02 -5.54
N HIS A 158 18.27 -15.13 -4.67
CA HIS A 158 19.70 -14.93 -4.44
C HIS A 158 20.21 -15.70 -3.23
N HIS A 159 19.55 -16.77 -2.84
CA HIS A 159 20.06 -17.60 -1.75
C HIS A 159 20.23 -19.05 -2.20
N PHE A 160 20.37 -19.29 -3.50
CA PHE A 160 20.63 -20.63 -4.04
C PHE A 160 22.13 -20.84 -4.14
N THR A 161 22.60 -21.96 -3.62
CA THR A 161 24.03 -22.28 -3.69
C THR A 161 24.35 -23.22 -4.84
N SER A 162 23.35 -23.78 -5.49
CA SER A 162 23.57 -24.65 -6.64
C SER A 162 22.41 -24.47 -7.61
N GLU A 163 22.65 -24.81 -8.87
CA GLU A 163 21.62 -24.72 -9.87
C GLU A 163 21.06 -26.10 -10.19
N SER A 164 20.72 -26.32 -11.46
CA SER A 164 20.26 -27.64 -11.87
C SER A 164 21.34 -28.67 -11.54
N PRO A 165 20.95 -29.86 -11.04
CA PRO A 165 19.59 -30.37 -10.82
C PRO A 165 18.99 -30.12 -9.44
N ASP A 166 19.80 -29.76 -8.44
CA ASP A 166 19.39 -29.82 -7.05
C ASP A 166 18.83 -28.51 -6.52
N TRP A 167 19.21 -27.38 -7.10
CA TRP A 167 18.81 -26.06 -6.60
C TRP A 167 18.84 -26.04 -5.08
N THR A 168 20.04 -26.19 -4.51
CA THR A 168 20.23 -26.20 -3.06
C THR A 168 20.11 -24.80 -2.48
N VAL A 169 19.23 -24.63 -1.50
CA VAL A 169 19.09 -23.35 -0.82
C VAL A 169 20.18 -23.22 0.25
N ASP A 170 20.83 -22.05 0.29
CA ASP A 170 21.76 -21.65 1.34
C ASP A 170 21.21 -22.07 2.68
N PRO A 171 21.83 -23.01 3.39
CA PRO A 171 21.28 -23.43 4.69
C PRO A 171 21.26 -22.30 5.72
N LYS A 172 22.07 -21.25 5.56
CA LYS A 172 21.99 -20.09 6.44
C LYS A 172 20.74 -19.25 6.14
N TRP A 173 20.34 -19.18 4.88
CA TRP A 173 19.10 -18.49 4.58
C TRP A 173 17.90 -19.24 5.16
N LEU A 174 17.83 -20.56 4.92
CA LEU A 174 16.79 -21.40 5.50
C LEU A 174 16.67 -21.24 7.02
N GLN A 175 17.82 -21.15 7.71
CA GLN A 175 17.81 -20.98 9.15
C GLN A 175 17.35 -19.57 9.56
N ARG A 176 17.80 -18.53 8.84
CA ARG A 176 17.31 -17.18 9.11
C ARG A 176 15.79 -17.09 8.97
N VAL A 177 15.22 -17.69 7.93
CA VAL A 177 13.76 -17.67 7.76
C VAL A 177 13.09 -18.39 8.93
N SER A 178 13.63 -19.56 9.29
CA SER A 178 13.10 -20.29 10.43
C SER A 178 13.19 -19.45 11.71
N ASP A 179 14.33 -18.78 11.93
CA ASP A 179 14.52 -17.92 13.09
C ASP A 179 13.46 -16.81 13.14
N VAL A 180 13.26 -16.10 12.03
CA VAL A 180 12.25 -15.04 12.01
C VAL A 180 10.84 -15.59 12.30
N ILE A 181 10.47 -16.73 11.72
CA ILE A 181 9.16 -17.34 12.03
C ILE A 181 9.04 -17.61 13.52
N ASP A 182 10.12 -18.09 14.14
CA ASP A 182 10.15 -18.29 15.58
C ASP A 182 9.92 -16.98 16.34
N MET A 183 10.53 -15.87 15.87
CA MET A 183 10.25 -14.56 16.44
C MET A 183 8.76 -14.21 16.38
N ILE A 184 8.11 -14.49 15.24
CA ILE A 184 6.70 -14.15 15.09
C ILE A 184 5.83 -15.05 15.98
N THR A 185 5.98 -16.37 15.86
CA THR A 185 5.03 -17.22 16.55
C THR A 185 5.24 -17.19 18.05
N SER A 186 6.47 -16.93 18.51
CA SER A 186 6.70 -16.87 19.96
C SER A 186 5.99 -15.69 20.62
N ARG A 187 5.62 -14.67 19.86
CA ARG A 187 4.82 -13.56 20.38
C ARG A 187 3.32 -13.77 20.21
N GLY A 188 2.90 -14.96 19.76
CA GLY A 188 1.50 -15.26 19.56
C GLY A 188 0.96 -14.93 18.18
N LEU A 189 1.78 -14.38 17.30
CA LEU A 189 1.34 -14.00 15.97
C LEU A 189 1.41 -15.19 15.02
N TYR A 190 0.32 -15.38 14.24
CA TYR A 190 0.33 -16.37 13.17
C TYR A 190 1.20 -15.88 12.03
N THR A 191 1.77 -16.82 11.27
CA THR A 191 2.63 -16.49 10.15
C THR A 191 2.13 -17.13 8.86
N ILE A 192 2.37 -16.43 7.74
CA ILE A 192 2.27 -16.97 6.39
C ILE A 192 3.59 -16.69 5.71
N VAL A 193 4.27 -17.72 5.24
CA VAL A 193 5.55 -17.56 4.53
C VAL A 193 5.36 -18.06 3.09
N ASN A 194 6.03 -17.40 2.15
CA ASN A 194 5.81 -17.69 0.74
C ASN A 194 7.10 -17.85 -0.05
N VAL A 195 6.95 -17.88 -1.37
CA VAL A 195 8.01 -17.60 -2.32
C VAL A 195 7.57 -16.32 -3.01
N HIS A 196 8.41 -15.28 -2.97
CA HIS A 196 7.94 -13.93 -3.41
C HIS A 196 8.51 -13.42 -4.74
N HIS A 197 9.47 -12.50 -4.69
CA HIS A 197 9.97 -11.85 -5.94
C HIS A 197 10.56 -12.87 -6.90
N ASP A 198 10.68 -14.12 -6.48
CA ASP A 198 11.09 -15.20 -7.40
C ASP A 198 10.03 -15.27 -8.51
N SER A 199 8.79 -14.90 -8.17
CA SER A 199 7.70 -14.92 -9.16
C SER A 199 8.11 -14.32 -10.50
N TRP A 200 8.77 -13.17 -10.48
CA TRP A 200 9.15 -12.53 -11.74
C TRP A 200 10.64 -12.60 -12.00
N GLU A 201 11.44 -13.09 -11.07
CA GLU A 201 12.88 -13.14 -11.31
C GLU A 201 13.30 -14.41 -12.03
N TRP A 202 12.60 -15.53 -11.83
CA TRP A 202 12.94 -16.75 -12.56
C TRP A 202 11.73 -17.64 -12.83
N ALA A 203 10.62 -17.45 -12.12
CA ALA A 203 9.45 -18.32 -12.20
C ALA A 203 8.31 -17.73 -13.05
N ASP A 204 8.63 -16.79 -13.95
CA ASP A 204 7.63 -16.14 -14.80
C ASP A 204 7.32 -17.06 -15.98
N VAL A 205 6.09 -17.59 -16.01
CA VAL A 205 5.68 -18.50 -17.08
C VAL A 205 5.27 -17.76 -18.34
N THR A 206 5.01 -16.45 -18.25
CA THR A 206 4.58 -15.67 -19.40
C THR A 206 5.74 -15.12 -20.23
N LYS A 207 6.98 -15.27 -19.78
CA LYS A 207 8.10 -14.63 -20.47
C LYS A 207 8.65 -15.59 -21.53
N SER A 208 8.95 -15.01 -22.71
CA SER A 208 9.04 -15.77 -23.95
C SER A 208 10.01 -16.94 -23.86
N ASP A 209 11.15 -16.75 -23.19
CA ASP A 209 12.17 -17.79 -23.18
C ASP A 209 12.35 -18.39 -21.80
N ALA A 210 11.27 -18.91 -21.23
CA ALA A 210 11.30 -19.56 -19.93
C ALA A 210 11.31 -21.08 -20.13
N ASN A 211 12.30 -21.75 -19.53
CA ASN A 211 12.29 -23.21 -19.50
C ASN A 211 11.27 -23.62 -18.46
N ILE A 212 10.03 -23.81 -18.90
CA ILE A 212 8.94 -24.17 -17.98
C ILE A 212 9.26 -25.48 -17.27
N THR A 213 9.94 -26.39 -17.97
CA THR A 213 10.54 -27.55 -17.34
C THR A 213 11.40 -27.14 -16.16
N GLN A 214 12.43 -26.31 -16.43
CA GLN A 214 13.38 -25.91 -15.40
C GLN A 214 12.71 -25.14 -14.26
N ILE A 215 11.80 -24.22 -14.61
CA ILE A 215 11.05 -23.46 -13.61
C ILE A 215 10.35 -24.41 -12.65
N GLU A 216 9.73 -25.48 -13.17
CA GLU A 216 8.92 -26.35 -12.34
C GLU A 216 9.79 -27.20 -11.42
N GLN A 217 10.97 -27.63 -11.90
CA GLN A 217 11.90 -28.36 -11.06
C GLN A 217 12.41 -27.50 -9.93
N LYS A 218 12.99 -26.35 -10.28
CA LYS A 218 13.51 -25.44 -9.26
C LYS A 218 12.44 -25.12 -8.23
N PHE A 219 11.24 -24.80 -8.69
CA PHE A 219 10.15 -24.48 -7.76
C PHE A 219 9.90 -25.65 -6.81
N GLU A 220 9.87 -26.87 -7.35
CA GLU A 220 9.64 -28.06 -6.54
C GLU A 220 10.79 -28.31 -5.59
N LYS A 221 12.03 -28.21 -6.09
CA LYS A 221 13.17 -28.35 -5.20
C LYS A 221 13.14 -27.29 -4.11
N LEU A 222 12.79 -26.06 -4.50
CA LEU A 222 12.71 -24.97 -3.53
C LEU A 222 11.70 -25.28 -2.44
N TRP A 223 10.48 -25.65 -2.81
CA TRP A 223 9.46 -25.80 -1.76
C TRP A 223 9.67 -27.08 -0.97
N TYR A 224 10.33 -28.07 -1.55
CA TYR A 224 10.73 -29.22 -0.76
C TYR A 224 11.77 -28.83 0.31
N GLN A 225 12.73 -27.94 -0.03
CA GLN A 225 13.74 -27.56 0.95
C GLN A 225 13.19 -26.61 2.01
N ILE A 226 12.37 -25.63 1.58
CA ILE A 226 11.57 -24.83 2.52
C ILE A 226 10.76 -25.72 3.44
N GLY A 227 9.95 -26.62 2.84
CA GLY A 227 9.07 -27.49 3.61
C GLY A 227 9.80 -28.42 4.55
N THR A 228 10.99 -28.89 4.17
CA THR A 228 11.82 -29.65 5.10
C THR A 228 12.22 -28.81 6.32
N LYS A 229 12.70 -27.58 6.09
CA LYS A 229 13.18 -26.79 7.22
C LYS A 229 12.05 -26.48 8.20
N LEU A 230 10.86 -26.18 7.67
CA LEU A 230 9.74 -25.75 8.49
C LEU A 230 8.77 -26.88 8.82
N ALA A 231 9.15 -28.14 8.58
CA ALA A 231 8.17 -29.23 8.64
C ALA A 231 7.57 -29.38 10.03
N CYS A 232 8.30 -28.97 11.06
CA CYS A 232 7.89 -29.15 12.45
C CYS A 232 7.39 -27.86 13.06
N LYS A 233 7.23 -26.81 12.26
CA LYS A 233 6.55 -25.61 12.75
C LYS A 233 5.11 -25.93 13.14
N SER A 234 4.60 -25.16 14.11
CA SER A 234 3.25 -25.39 14.63
C SER A 234 2.20 -25.00 13.58
N SER A 235 0.95 -25.17 13.95
CA SER A 235 -0.15 -24.85 13.05
C SER A 235 -0.34 -23.36 12.88
N MET A 236 0.40 -22.53 13.62
CA MET A 236 0.38 -21.09 13.47
C MET A 236 1.09 -20.63 12.22
N VAL A 237 1.81 -21.52 11.55
CA VAL A 237 2.59 -21.20 10.36
C VAL A 237 1.89 -21.84 9.16
N ALA A 238 1.50 -21.01 8.19
CA ALA A 238 0.94 -21.43 6.92
C ALA A 238 1.93 -21.13 5.79
N PHE A 239 1.80 -21.87 4.69
CA PHE A 239 2.61 -21.69 3.50
C PHE A 239 1.75 -21.08 2.40
N GLU A 240 2.35 -20.18 1.62
CA GLU A 240 1.69 -19.57 0.47
C GLU A 240 2.53 -19.83 -0.78
N THR A 241 1.87 -20.22 -1.88
CA THR A 241 2.54 -20.86 -3.01
C THR A 241 3.62 -19.96 -3.61
N ILE A 242 3.22 -18.76 -4.06
CA ILE A 242 4.10 -17.85 -4.77
C ILE A 242 3.38 -16.51 -4.88
N ASN A 243 4.13 -15.42 -4.78
CA ASN A 243 3.53 -14.10 -4.73
C ASN A 243 3.23 -13.61 -6.15
N GLU A 244 1.99 -13.10 -6.35
CA GLU A 244 1.52 -12.42 -7.56
C GLU A 244 2.16 -12.93 -8.85
N PRO A 245 2.10 -14.22 -9.13
CA PRO A 245 2.79 -14.78 -10.30
C PRO A 245 2.27 -14.18 -11.59
N PRO A 246 3.16 -13.73 -12.48
CA PRO A 246 2.73 -13.12 -13.73
C PRO A 246 1.89 -14.09 -14.56
N CYS A 247 0.77 -13.59 -15.07
CA CYS A 247 -0.22 -14.47 -15.68
C CYS A 247 -1.14 -13.64 -16.55
N ASN A 248 -1.09 -13.89 -17.86
CA ASN A 248 -1.81 -13.07 -18.82
C ASN A 248 -2.94 -13.79 -19.52
N THR A 249 -2.83 -15.09 -19.76
CA THR A 249 -3.80 -15.85 -20.52
C THR A 249 -4.26 -17.03 -19.68
N ALA A 250 -5.27 -17.73 -20.21
CA ALA A 250 -5.79 -18.92 -19.54
C ALA A 250 -4.79 -20.07 -19.59
N GLU A 251 -3.96 -20.13 -20.63
CA GLU A 251 -2.89 -21.12 -20.61
C GLU A 251 -1.87 -20.80 -19.53
N ASP A 252 -1.53 -19.52 -19.34
CA ASP A 252 -0.71 -19.12 -18.19
C ASP A 252 -1.37 -19.56 -16.88
N GLY A 253 -2.67 -19.29 -16.75
CA GLY A 253 -3.39 -19.62 -15.54
C GLY A 253 -3.39 -21.11 -15.22
N ALA A 254 -3.37 -21.96 -16.25
CA ALA A 254 -3.22 -23.39 -16.01
C ALA A 254 -1.86 -23.70 -15.43
N LYS A 255 -0.84 -22.93 -15.81
CA LYS A 255 0.50 -23.13 -15.26
C LYS A 255 0.55 -22.72 -13.81
N ILE A 256 -0.14 -21.64 -13.47
CA ILE A 256 -0.24 -21.24 -12.07
C ILE A 256 -0.87 -22.35 -11.25
N ASN A 257 -1.93 -22.97 -11.79
CA ASN A 257 -2.55 -24.11 -11.11
C ASN A 257 -1.56 -25.23 -10.88
N LYS A 258 -0.69 -25.50 -11.85
CA LYS A 258 0.37 -26.46 -11.62
C LYS A 258 1.27 -26.02 -10.47
N PHE A 259 1.60 -24.72 -10.39
CA PHE A 259 2.40 -24.21 -9.28
C PHE A 259 1.79 -24.62 -7.96
N ASN A 260 0.47 -24.48 -7.82
CA ASN A 260 -0.19 -24.87 -6.58
C ASN A 260 -0.04 -26.38 -6.35
N GLU A 261 -0.05 -27.16 -7.42
CA GLU A 261 0.01 -28.61 -7.28
C GLU A 261 1.43 -29.06 -6.93
N ILE A 262 2.41 -28.57 -7.70
CA ILE A 262 3.83 -28.81 -7.41
C ILE A 262 4.15 -28.46 -5.96
N PHE A 263 3.73 -27.28 -5.52
CA PHE A 263 3.90 -26.84 -4.15
C PHE A 263 3.35 -27.86 -3.15
N LEU A 264 2.07 -28.20 -3.28
CA LEU A 264 1.43 -29.14 -2.37
C LEU A 264 2.12 -30.49 -2.37
N ARG A 265 2.71 -30.88 -3.48
CA ARG A 265 3.39 -32.17 -3.53
C ARG A 265 4.70 -32.09 -2.78
N ALA A 266 5.47 -31.02 -3.02
CA ALA A 266 6.78 -30.87 -2.39
C ALA A 266 6.69 -30.76 -0.88
N ILE A 267 5.82 -29.89 -0.37
CA ILE A 267 5.73 -29.75 1.08
C ILE A 267 5.21 -31.02 1.72
N ASN A 268 4.40 -31.83 1.01
CA ASN A 268 3.90 -33.07 1.58
C ASN A 268 4.96 -34.16 1.56
N ARG A 269 5.76 -34.25 0.50
CA ARG A 269 6.95 -35.09 0.51
C ARG A 269 7.91 -34.70 1.63
N ALA A 270 7.95 -33.42 2.01
CA ALA A 270 8.89 -32.99 3.04
C ALA A 270 8.55 -33.59 4.40
N GLY A 271 7.27 -33.81 4.70
CA GLY A 271 6.88 -34.47 5.93
C GLY A 271 6.64 -33.57 7.12
N GLY A 272 7.05 -34.02 8.29
CA GLY A 272 6.77 -33.28 9.49
C GLY A 272 5.28 -33.17 9.69
N PHE A 273 4.82 -31.98 10.06
CA PHE A 273 3.40 -31.72 10.18
C PHE A 273 2.79 -31.15 8.91
N ASN A 274 3.49 -31.26 7.76
CA ASN A 274 3.12 -30.49 6.58
C ASN A 274 1.82 -30.98 5.96
N ALA A 275 1.49 -32.26 6.11
CA ALA A 275 0.27 -32.80 5.51
C ALA A 275 -1.00 -32.15 6.05
N LYS A 276 -0.92 -31.52 7.23
CA LYS A 276 -2.08 -30.88 7.88
C LYS A 276 -1.84 -29.40 8.10
N ARG A 277 -0.91 -28.81 7.38
CA ARG A 277 -0.64 -27.41 7.54
C ARG A 277 -1.57 -26.59 6.64
N VAL A 278 -2.11 -25.52 7.19
CA VAL A 278 -2.88 -24.56 6.40
C VAL A 278 -2.00 -24.01 5.29
N VAL A 279 -2.54 -23.98 4.07
CA VAL A 279 -1.82 -23.42 2.94
C VAL A 279 -2.71 -22.36 2.31
N ASN A 280 -2.08 -21.45 1.57
CA ASN A 280 -2.76 -20.44 0.77
C ASN A 280 -2.44 -20.72 -0.68
N LEU A 281 -3.45 -21.07 -1.47
CA LEU A 281 -3.28 -21.20 -2.91
C LEU A 281 -3.57 -19.86 -3.60
N VAL A 282 -3.00 -19.70 -4.79
CA VAL A 282 -3.00 -18.41 -5.47
C VAL A 282 -3.47 -18.58 -6.91
N GLY A 283 -4.06 -17.49 -7.43
CA GLY A 283 -4.31 -17.35 -8.85
C GLY A 283 -3.31 -16.40 -9.50
N GLY A 284 -3.53 -16.13 -10.77
CA GLY A 284 -2.65 -15.31 -11.56
C GLY A 284 -2.58 -13.89 -11.07
N GLY A 285 -1.37 -13.42 -10.78
CA GLY A 285 -1.16 -12.09 -10.27
C GLY A 285 -1.79 -11.84 -8.92
N MET A 286 -2.28 -12.88 -8.28
CA MET A 286 -3.18 -12.76 -7.14
C MET A 286 -4.26 -11.71 -7.40
N ASP A 287 -4.62 -11.57 -8.67
CA ASP A 287 -5.67 -10.65 -9.08
C ASP A 287 -7.03 -11.33 -8.97
N SER A 288 -8.01 -10.60 -8.43
CA SER A 288 -9.34 -11.16 -8.21
C SER A 288 -9.92 -11.77 -9.48
N VAL A 289 -9.85 -11.06 -10.62
CA VAL A 289 -10.49 -11.51 -11.85
C VAL A 289 -9.75 -12.70 -12.46
N LYS A 290 -8.42 -12.69 -12.42
CA LYS A 290 -7.64 -13.80 -12.97
C LYS A 290 -7.78 -15.05 -12.11
N THR A 291 -7.79 -14.88 -10.79
CA THR A 291 -8.09 -16.00 -9.90
C THR A 291 -9.48 -16.55 -10.20
N SER A 292 -10.46 -15.66 -10.29
CA SER A 292 -11.82 -16.07 -10.66
C SER A 292 -11.85 -16.72 -12.04
N GLN A 293 -11.17 -16.14 -13.02
CA GLN A 293 -11.20 -16.73 -14.35
C GLN A 293 -10.52 -18.10 -14.38
N TRP A 294 -9.33 -18.24 -13.79
CA TRP A 294 -8.53 -19.41 -14.11
C TRP A 294 -8.16 -20.33 -12.96
N PHE A 295 -8.45 -19.97 -11.70
CA PHE A 295 -8.06 -20.84 -10.59
C PHE A 295 -8.83 -22.14 -10.65
N LYS A 296 -8.13 -23.26 -10.46
CA LYS A 296 -8.79 -24.56 -10.38
C LYS A 296 -8.16 -25.33 -9.22
N THR A 297 -8.96 -25.64 -8.20
CA THR A 297 -8.47 -26.29 -6.99
C THR A 297 -7.63 -27.53 -7.33
N PRO A 298 -6.45 -27.69 -6.73
CA PRO A 298 -5.68 -28.91 -6.97
C PRO A 298 -6.51 -30.15 -6.64
N ALA A 299 -6.55 -31.08 -7.58
CA ALA A 299 -7.28 -32.33 -7.38
C ALA A 299 -6.73 -33.08 -6.18
N ASN A 300 -7.63 -33.72 -5.43
CA ASN A 300 -7.25 -34.56 -4.27
C ASN A 300 -6.50 -33.77 -3.19
N ILE A 301 -6.71 -32.46 -3.11
CA ILE A 301 -5.96 -31.68 -2.13
C ILE A 301 -6.34 -32.13 -0.73
N THR A 302 -5.34 -32.48 0.08
CA THR A 302 -5.60 -32.92 1.44
C THR A 302 -5.30 -31.86 2.50
N ASN A 303 -4.53 -30.84 2.17
CA ASN A 303 -4.24 -29.82 3.15
C ASN A 303 -5.47 -28.93 3.35
N PRO A 304 -5.74 -28.50 4.57
CA PRO A 304 -6.63 -27.35 4.75
C PRO A 304 -6.05 -26.17 4.00
N TRP A 305 -6.87 -25.56 3.16
CA TRP A 305 -6.36 -24.51 2.27
C TRP A 305 -7.29 -23.30 2.31
N ALA A 306 -6.73 -22.17 1.90
CA ALA A 306 -7.45 -20.94 1.75
C ALA A 306 -6.96 -20.26 0.49
N LEU A 307 -7.79 -19.39 -0.05
CA LEU A 307 -7.44 -18.59 -1.21
C LEU A 307 -6.85 -17.26 -0.75
N GLN A 308 -5.76 -16.84 -1.40
CA GLN A 308 -5.18 -15.52 -1.14
C GLN A 308 -5.15 -14.69 -2.42
N PHE A 309 -5.55 -13.43 -2.28
CA PHE A 309 -5.47 -12.49 -3.39
C PHE A 309 -4.98 -11.16 -2.84
N HIS A 310 -4.52 -10.31 -3.75
CA HIS A 310 -4.02 -8.98 -3.43
C HIS A 310 -4.91 -7.95 -4.09
N PHE A 311 -5.12 -6.83 -3.40
CA PHE A 311 -6.03 -5.80 -3.88
C PHE A 311 -5.32 -4.46 -3.90
N TYR A 312 -5.16 -3.87 -5.10
CA TYR A 312 -4.46 -2.61 -5.29
C TYR A 312 -5.25 -1.70 -6.20
N SER A 313 -6.57 -1.75 -6.11
CA SER A 313 -7.49 -0.98 -6.94
C SER A 313 -8.19 0.10 -6.11
N PRO A 314 -8.61 1.20 -6.74
CA PRO A 314 -8.41 1.55 -8.16
C PRO A 314 -6.98 1.95 -8.42
N TYR A 315 -6.41 1.47 -9.52
CA TYR A 315 -5.01 1.73 -9.85
C TYR A 315 -4.67 3.21 -9.70
N ASP A 316 -5.52 4.09 -10.22
CA ASP A 316 -5.15 5.50 -10.35
C ASP A 316 -4.98 6.16 -8.99
N PHE A 317 -5.82 5.81 -8.02
CA PHE A 317 -5.68 6.43 -6.71
C PHE A 317 -4.58 5.75 -5.90
N ILE A 318 -4.50 4.41 -6.00
CA ILE A 318 -3.54 3.66 -5.18
C ILE A 318 -2.11 3.93 -5.65
N PHE A 319 -1.89 4.12 -6.93
CA PHE A 319 -0.56 4.34 -7.49
C PHE A 319 -0.31 5.80 -7.88
N SER A 320 -1.24 6.71 -7.56
CA SER A 320 -1.09 8.13 -7.87
C SER A 320 -0.78 8.35 -9.35
N ALA A 321 -1.65 7.78 -10.19
CA ALA A 321 -1.59 7.91 -11.63
C ALA A 321 -2.55 8.99 -12.10
N TRP A 322 -2.16 9.68 -13.17
CA TRP A 322 -3.01 10.62 -13.93
C TRP A 322 -3.75 11.62 -13.05
N GLY A 323 -3.11 12.03 -11.96
CA GLY A 323 -3.60 13.15 -11.18
C GLY A 323 -4.72 12.81 -10.23
N LYS A 324 -4.91 11.53 -9.92
CA LYS A 324 -6.03 11.11 -9.09
C LYS A 324 -5.64 11.29 -7.63
N THR A 325 -6.28 12.20 -6.94
CA THR A 325 -5.97 12.46 -5.54
C THR A 325 -7.18 12.42 -4.63
N ILE A 326 -8.34 12.05 -5.14
CA ILE A 326 -9.57 11.91 -4.36
C ILE A 326 -10.05 10.48 -4.47
N TRP A 327 -10.80 10.06 -3.46
CA TRP A 327 -11.41 8.75 -3.44
C TRP A 327 -12.57 8.80 -2.45
N GLY A 328 -13.70 8.18 -2.86
CA GLY A 328 -14.82 8.03 -1.96
C GLY A 328 -16.16 8.37 -2.54
N SER A 329 -16.31 8.32 -3.86
CA SER A 329 -17.59 8.60 -4.49
C SER A 329 -18.46 7.34 -4.63
N ASP A 330 -19.73 7.55 -4.97
CA ASP A 330 -20.65 6.42 -5.16
C ASP A 330 -20.08 5.41 -6.15
N SER A 331 -19.60 5.88 -7.30
CA SER A 331 -18.98 4.96 -8.24
C SER A 331 -17.70 4.34 -7.68
N ASP A 332 -16.92 5.10 -6.90
CA ASP A 332 -15.71 4.51 -6.29
C ASP A 332 -16.07 3.34 -5.38
N LYS A 333 -16.94 3.60 -4.40
CA LYS A 333 -17.34 2.56 -3.47
C LYS A 333 -17.94 1.38 -4.23
N SER A 334 -18.74 1.67 -5.27
CA SER A 334 -19.35 0.62 -6.07
C SER A 334 -18.30 -0.21 -6.83
N GLU A 335 -17.33 0.46 -7.44
N GLU A 335 -17.31 0.45 -7.43
CA GLU A 335 -16.18 -0.20 -8.07
CA GLU A 335 -16.25 -0.31 -8.09
C GLU A 335 -15.55 -1.20 -7.11
C GLU A 335 -15.50 -1.21 -7.11
N LEU A 336 -15.34 -0.79 -5.86
CA LEU A 336 -14.63 -1.60 -4.89
C LEU A 336 -15.48 -2.79 -4.43
N ASP A 337 -16.74 -2.52 -4.07
CA ASP A 337 -17.61 -3.59 -3.58
C ASP A 337 -17.87 -4.63 -4.67
N SER A 338 -17.93 -4.18 -5.92
CA SER A 338 -18.18 -5.14 -6.99
C SER A 338 -16.97 -6.05 -7.19
N THR A 339 -15.79 -5.47 -7.26
CA THR A 339 -14.59 -6.27 -7.45
C THR A 339 -14.49 -7.38 -6.41
N LEU A 340 -14.66 -7.03 -5.14
CA LEU A 340 -14.58 -8.04 -4.09
C LEU A 340 -15.74 -9.02 -4.18
N GLY A 341 -16.95 -8.51 -4.42
CA GLY A 341 -18.11 -9.40 -4.51
C GLY A 341 -18.00 -10.40 -5.64
N LEU A 342 -17.37 -10.02 -6.76
CA LEU A 342 -17.19 -10.96 -7.85
C LEU A 342 -16.23 -12.07 -7.48
N LEU A 343 -15.27 -11.78 -6.60
CA LEU A 343 -14.33 -12.81 -6.17
C LEU A 343 -14.99 -13.78 -5.22
N ARG A 344 -15.71 -13.26 -4.24
CA ARG A 344 -16.42 -14.10 -3.27
C ARG A 344 -17.53 -14.91 -3.96
N GLY A 345 -18.27 -14.32 -4.89
CA GLY A 345 -19.32 -15.06 -5.59
C GLY A 345 -18.81 -16.26 -6.35
N ASN A 346 -17.55 -16.21 -6.77
CA ASN A 346 -16.92 -17.29 -7.53
C ASN A 346 -16.29 -18.35 -6.63
N PHE A 347 -16.18 -18.08 -5.33
CA PHE A 347 -15.51 -18.94 -4.35
C PHE A 347 -16.33 -18.88 -3.08
N THR A 348 -17.58 -19.29 -3.25
CA THR A 348 -18.65 -18.95 -2.34
C THR A 348 -18.43 -19.49 -0.94
N ASP A 349 -17.75 -20.62 -0.80
CA ASP A 349 -17.54 -21.20 0.52
C ASP A 349 -16.06 -21.33 0.92
N VAL A 350 -15.16 -20.60 0.28
CA VAL A 350 -13.72 -20.79 0.45
C VAL A 350 -13.17 -19.73 1.41
N PRO A 351 -12.38 -20.11 2.42
CA PRO A 351 -11.69 -19.10 3.22
C PRO A 351 -10.80 -18.27 2.31
N ILE A 352 -10.93 -16.96 2.43
CA ILE A 352 -10.22 -16.04 1.56
C ILE A 352 -9.37 -15.10 2.42
N VAL A 353 -8.10 -14.98 2.06
CA VAL A 353 -7.17 -14.06 2.68
C VAL A 353 -6.81 -12.97 1.68
N LEU A 354 -7.09 -11.73 2.04
CA LEU A 354 -6.63 -10.56 1.30
C LEU A 354 -5.24 -10.26 1.84
N GLY A 355 -4.22 -10.76 1.13
CA GLY A 355 -2.88 -10.85 1.69
C GLY A 355 -2.08 -9.57 1.65
N ALA A 356 -2.43 -8.63 0.78
CA ALA A 356 -1.72 -7.36 0.67
C ALA A 356 -2.65 -6.33 0.06
N PHE A 357 -2.70 -5.17 0.70
CA PHE A 357 -3.45 -4.03 0.21
C PHE A 357 -2.81 -2.84 0.86
N ASP A 358 -2.87 -1.69 0.21
CA ASP A 358 -2.40 -0.48 0.88
C ASP A 358 -2.68 0.76 0.06
N ALA A 359 -3.39 1.71 0.67
CA ALA A 359 -3.31 3.11 0.25
C ALA A 359 -2.20 3.76 1.06
N SER A 360 -1.03 3.93 0.47
CA SER A 360 0.14 4.29 1.26
C SER A 360 0.08 5.76 1.69
N PRO A 361 0.42 6.06 2.95
CA PRO A 361 0.45 7.46 3.40
C PRO A 361 1.50 8.29 2.72
N THR A 362 2.44 7.65 2.03
CA THR A 362 3.48 8.40 1.35
C THR A 362 2.91 9.23 0.22
N ASN A 363 1.98 8.67 -0.54
CA ASN A 363 1.53 9.32 -1.75
C ASN A 363 0.05 9.64 -1.78
N THR A 364 -0.77 9.07 -0.91
CA THR A 364 -2.21 9.25 -0.99
C THR A 364 -2.64 10.33 -0.01
N GLU A 365 -3.60 11.13 -0.44
CA GLU A 365 -4.12 12.19 0.41
C GLU A 365 -4.83 11.54 1.61
N PRO A 366 -4.69 12.06 2.80
CA PRO A 366 -5.14 11.29 3.98
C PRO A 366 -6.65 11.08 4.07
N ALA A 367 -7.48 12.08 3.78
CA ALA A 367 -8.92 11.89 3.94
C ALA A 367 -9.45 10.84 2.98
N ALA A 368 -9.05 10.93 1.70
CA ALA A 368 -9.32 9.86 0.74
C ALA A 368 -8.85 8.50 1.25
N ARG A 369 -7.61 8.43 1.71
CA ARG A 369 -7.01 7.17 2.12
C ARG A 369 -7.76 6.54 3.29
N TRP A 370 -8.28 7.36 4.20
CA TRP A 370 -9.00 6.82 5.34
C TRP A 370 -10.37 6.35 4.91
N LYS A 371 -11.04 7.15 4.09
CA LYS A 371 -12.27 6.70 3.45
C LYS A 371 -12.04 5.38 2.74
N TYR A 372 -10.94 5.27 2.00
CA TYR A 372 -10.66 4.05 1.26
C TYR A 372 -10.46 2.85 2.19
N HIS A 373 -9.62 3.01 3.23
CA HIS A 373 -9.37 1.89 4.13
C HIS A 373 -10.63 1.51 4.91
N ASP A 374 -11.37 2.52 5.41
CA ASP A 374 -12.62 2.22 6.09
C ASP A 374 -13.53 1.38 5.21
N TYR A 375 -13.65 1.77 3.94
CA TYR A 375 -14.59 1.09 3.04
C TYR A 375 -14.08 -0.30 2.68
N LEU A 376 -12.79 -0.43 2.42
CA LEU A 376 -12.23 -1.77 2.21
C LEU A 376 -12.46 -2.67 3.42
N ILE A 377 -12.32 -2.13 4.64
CA ILE A 377 -12.60 -2.95 5.82
C ILE A 377 -14.07 -3.30 5.88
N ARG A 378 -14.92 -2.34 5.56
CA ARG A 378 -16.36 -2.60 5.52
C ARG A 378 -16.68 -3.72 4.55
N SER A 379 -15.95 -3.80 3.44
CA SER A 379 -16.26 -4.81 2.42
C SER A 379 -15.66 -6.16 2.75
N THR A 380 -14.44 -6.20 3.31
CA THR A 380 -13.90 -7.50 3.70
C THR A 380 -14.71 -8.13 4.82
N LYS A 381 -15.35 -7.32 5.66
CA LYS A 381 -16.31 -7.88 6.61
C LYS A 381 -17.53 -8.44 5.87
N LYS A 382 -18.06 -7.67 4.92
CA LYS A 382 -19.24 -8.09 4.16
C LYS A 382 -19.00 -9.41 3.43
N TYR A 383 -17.90 -9.50 2.69
CA TYR A 383 -17.57 -10.67 1.90
C TYR A 383 -16.68 -11.64 2.66
N ASN A 384 -16.47 -11.44 3.96
CA ASN A 384 -15.83 -12.42 4.81
C ASN A 384 -14.40 -12.76 4.33
N MET A 385 -13.57 -11.73 4.20
CA MET A 385 -12.15 -11.89 3.85
C MET A 385 -11.26 -11.29 4.92
N SER A 386 -10.16 -12.00 5.24
CA SER A 386 -9.21 -11.55 6.27
C SER A 386 -8.18 -10.62 5.67
N PRO A 387 -8.09 -9.37 6.12
CA PRO A 387 -7.15 -8.43 5.48
C PRO A 387 -5.77 -8.45 6.15
N ILE A 388 -4.76 -8.28 5.32
CA ILE A 388 -3.37 -8.17 5.72
C ILE A 388 -2.78 -6.97 5.01
N ILE A 389 -2.41 -5.93 5.76
CA ILE A 389 -1.96 -4.68 5.15
C ILE A 389 -0.53 -4.83 4.66
N TRP A 390 -0.23 -4.21 3.52
CA TRP A 390 1.13 -4.17 3.00
C TRP A 390 1.89 -2.96 3.57
N ASP A 391 3.08 -3.23 4.11
CA ASP A 391 3.93 -2.21 4.71
C ASP A 391 5.37 -2.47 4.28
N ASN A 392 5.95 -1.52 3.56
CA ASN A 392 7.31 -1.72 3.08
C ASN A 392 8.35 -1.19 4.05
N GLY A 393 7.91 -0.62 5.19
CA GLY A 393 8.78 -0.09 6.19
C GLY A 393 8.79 1.43 6.24
N LEU A 394 8.53 2.08 5.10
CA LEU A 394 8.28 3.51 5.05
C LEU A 394 6.81 3.86 5.01
N ASP A 395 5.95 2.90 4.69
CA ASP A 395 4.52 3.18 4.63
C ASP A 395 3.95 3.43 6.02
N HIS A 396 4.13 2.48 6.95
CA HIS A 396 3.39 2.59 8.20
C HIS A 396 4.28 2.55 9.44
N LEU A 397 4.61 1.36 9.93
CA LEU A 397 5.37 1.27 11.21
C LEU A 397 6.84 1.63 11.04
N ASP A 398 7.35 2.52 11.89
CA ASP A 398 8.80 2.80 11.90
C ASP A 398 9.37 1.78 12.89
N ARG A 399 10.05 0.76 12.36
CA ARG A 399 10.53 -0.35 13.23
C ARG A 399 11.64 0.14 14.15
N SER A 400 12.21 1.32 13.91
CA SER A 400 13.23 1.78 14.84
C SER A 400 12.60 2.44 16.06
N SER A 401 11.50 3.15 15.88
CA SER A 401 10.85 3.85 16.98
C SER A 401 9.60 3.16 17.50
N GLY A 402 8.86 2.44 16.64
CA GLY A 402 7.56 1.93 17.05
C GLY A 402 6.41 2.87 16.76
N ILE A 403 6.70 4.05 16.22
CA ILE A 403 5.65 4.97 15.79
C ILE A 403 5.01 4.44 14.52
N TRP A 404 3.68 4.35 14.51
CA TRP A 404 2.95 4.14 13.27
C TRP A 404 2.79 5.48 12.58
N ARG A 405 3.30 5.60 11.35
CA ARG A 405 3.23 6.89 10.66
C ARG A 405 1.79 7.35 10.48
N ASP A 406 0.87 6.43 10.27
CA ASP A 406 -0.54 6.72 10.05
C ASP A 406 -1.30 5.91 11.07
N PRO A 407 -1.49 6.44 12.28
CA PRO A 407 -2.20 5.67 13.30
C PRO A 407 -3.66 5.52 13.00
N VAL A 408 -4.22 6.39 12.15
CA VAL A 408 -5.65 6.33 11.84
C VAL A 408 -5.98 5.06 11.04
N SER A 409 -5.28 4.85 9.92
CA SER A 409 -5.45 3.61 9.16
C SER A 409 -5.32 2.38 10.05
N ILE A 410 -4.29 2.36 10.90
CA ILE A 410 -4.07 1.19 11.75
C ILE A 410 -5.27 0.98 12.65
N GLU A 411 -5.80 2.07 13.24
CA GLU A 411 -7.01 1.92 14.04
C GLU A 411 -8.15 1.37 13.19
N ILE A 412 -8.29 1.86 11.96
CA ILE A 412 -9.36 1.43 11.06
C ILE A 412 -9.23 -0.05 10.74
N ILE A 413 -8.00 -0.48 10.47
CA ILE A 413 -7.78 -1.85 10.05
C ILE A 413 -7.80 -2.82 11.22
N THR A 414 -7.35 -2.40 12.39
CA THR A 414 -7.33 -3.31 13.53
C THR A 414 -8.68 -3.42 14.22
N ASN A 415 -9.72 -2.70 13.76
CA ASN A 415 -11.06 -2.90 14.37
C ASN A 415 -12.17 -2.96 13.32
N GLY A 416 -12.39 -4.15 12.75
CA GLY A 416 -13.56 -4.34 11.91
C GLY A 416 -14.89 -4.32 12.65
N ASN A 417 -14.85 -4.13 13.97
CA ASN A 417 -16.07 -4.12 14.79
C ASN A 417 -16.42 -2.73 15.28
N GLU A 418 -15.92 -1.68 14.60
CA GLU A 418 -16.20 -0.31 15.04
C GLU A 418 -16.57 0.58 13.87
N THR A 419 -17.42 1.56 14.16
CA THR A 419 -17.78 2.58 13.17
C THR A 419 -16.88 3.79 13.32
N ASN A 420 -16.33 4.23 12.20
CA ASN A 420 -15.34 5.30 12.17
C ASN A 420 -15.99 6.58 11.69
N SER A 421 -15.77 7.67 12.43
CA SER A 421 -16.07 9.01 11.96
C SER A 421 -14.89 9.55 11.17
N LEU A 422 -15.15 10.03 9.95
CA LEU A 422 -14.08 10.38 9.04
C LEU A 422 -14.23 11.80 8.54
N PRO A 423 -13.13 12.44 8.15
CA PRO A 423 -13.26 13.76 7.52
C PRO A 423 -13.81 13.62 6.11
N ASP A 424 -14.68 14.55 5.73
CA ASP A 424 -15.11 14.51 4.36
C ASP A 424 -14.03 15.06 3.43
N SER A 425 -14.28 14.92 2.12
CA SER A 425 -13.34 15.39 1.13
C SER A 425 -14.04 15.38 -0.21
N THR A 426 -13.50 16.15 -1.15
CA THR A 426 -14.02 16.15 -2.52
C THR A 426 -13.93 14.74 -3.10
N VAL A 427 -14.96 14.31 -3.82
CA VAL A 427 -14.88 13.02 -4.49
C VAL A 427 -15.31 13.14 -5.95
N ASP A 428 -15.88 14.29 -6.32
CA ASP A 428 -16.28 14.57 -7.69
C ASP A 428 -15.06 14.98 -8.50
N THR A 429 -14.68 14.17 -9.50
CA THR A 429 -13.51 14.49 -10.32
C THR A 429 -13.76 15.58 -11.33
N SER A 430 -14.95 16.15 -11.38
CA SER A 430 -15.23 17.28 -12.24
C SER A 430 -15.26 18.59 -11.47
N ALA A 431 -15.00 18.55 -10.17
CA ALA A 431 -14.98 19.77 -9.37
C ALA A 431 -13.70 20.56 -9.64
N PRO A 432 -13.78 21.89 -9.74
CA PRO A 432 -12.61 22.69 -10.10
C PRO A 432 -11.70 23.01 -8.92
N SER A 433 -12.04 22.51 -7.74
CA SER A 433 -11.26 22.65 -6.51
C SER A 433 -11.44 21.40 -5.67
N GLN A 434 -10.37 21.03 -4.97
CA GLN A 434 -10.41 19.80 -4.13
C GLN A 434 -10.17 20.19 -2.67
N SER A 435 -11.09 19.83 -1.79
CA SER A 435 -10.98 20.15 -0.35
C SER A 435 -10.83 18.86 0.45
N SER A 436 -10.23 18.92 1.65
CA SER A 436 -10.09 17.74 2.53
C SER A 436 -10.15 18.19 3.99
N SER A 437 -11.05 17.59 4.76
CA SER A 437 -11.12 17.90 6.18
C SER A 437 -10.04 17.20 6.99
N ALA A 438 -9.09 16.51 6.35
CA ALA A 438 -7.89 16.09 7.05
C ALA A 438 -6.92 17.25 7.26
N TYR A 439 -7.23 18.43 6.71
CA TYR A 439 -6.35 19.58 6.83
C TYR A 439 -7.16 20.82 7.22
N ILE A 440 -6.54 21.69 7.99
CA ILE A 440 -6.86 23.11 7.97
C ILE A 440 -5.74 23.77 7.18
N TYR A 441 -6.07 24.42 6.09
CA TYR A 441 -5.09 25.08 5.24
C TYR A 441 -5.19 26.58 5.43
N HIS A 442 -4.04 27.24 5.46
CA HIS A 442 -4.02 28.70 5.42
C HIS A 442 -2.84 29.16 4.56
N LYS A 443 -3.12 30.00 3.57
CA LYS A 443 -2.09 30.51 2.70
C LYS A 443 -1.38 31.67 3.35
N VAL A 444 -0.04 31.67 3.25
CA VAL A 444 0.76 32.84 3.63
C VAL A 444 0.24 34.07 2.91
N GLY A 445 0.08 35.15 3.65
CA GLY A 445 -0.30 36.40 3.06
C GLY A 445 -1.79 36.61 2.93
N THR A 446 -2.60 35.69 3.44
CA THR A 446 -4.04 35.82 3.47
C THR A 446 -4.49 35.95 4.92
N GLU A 447 -5.65 36.57 5.12
CA GLU A 447 -6.12 36.75 6.49
C GLU A 447 -6.51 35.41 7.12
N VAL A 448 -6.38 35.34 8.43
CA VAL A 448 -6.77 34.15 9.16
C VAL A 448 -8.30 34.17 9.31
N THR A 449 -8.95 33.13 8.78
CA THR A 449 -10.40 33.03 8.74
C THR A 449 -10.85 31.84 9.59
N ASP A 450 -12.16 31.81 9.86
CA ASP A 450 -12.77 30.62 10.40
C ASP A 450 -12.68 29.49 9.38
N GLN A 451 -12.56 28.27 9.89
CA GLN A 451 -12.48 27.08 9.05
C GLN A 451 -13.57 26.14 9.52
N THR A 452 -14.39 25.66 8.58
CA THR A 452 -15.42 24.66 8.87
C THR A 452 -15.03 23.38 8.15
N LEU A 453 -14.84 22.30 8.91
CA LEU A 453 -14.47 21.03 8.32
C LEU A 453 -15.66 20.07 8.32
N PRO A 454 -16.25 19.75 7.18
CA PRO A 454 -17.33 18.76 7.17
C PRO A 454 -16.78 17.36 7.41
N PHE A 455 -17.48 16.62 8.25
CA PHE A 455 -17.09 15.30 8.69
C PHE A 455 -18.22 14.31 8.45
N ILE A 456 -17.87 13.06 8.29
CA ILE A 456 -18.83 11.98 8.24
C ILE A 456 -18.84 11.36 9.63
N PHE A 457 -19.85 11.72 10.44
CA PHE A 457 -19.88 11.31 11.83
C PHE A 457 -20.27 9.84 11.97
N ASN A 458 -21.20 9.38 11.15
CA ASN A 458 -21.69 8.00 11.18
C ASN A 458 -22.27 7.66 12.54
N ASP A 459 -23.14 8.54 13.03
CA ASP A 459 -23.85 8.39 14.31
C ASP A 459 -22.88 8.23 15.48
N ASN A 460 -21.61 8.58 15.32
CA ASN A 460 -20.76 8.78 16.48
C ASN A 460 -20.92 10.21 16.97
N THR A 461 -20.46 10.45 18.19
CA THR A 461 -20.37 11.80 18.74
C THR A 461 -18.91 12.16 19.01
N LEU A 462 -18.60 13.45 18.84
CA LEU A 462 -17.26 13.96 19.10
C LEU A 462 -17.06 14.14 20.60
N VAL A 463 -16.01 13.51 21.12
CA VAL A 463 -15.74 13.54 22.54
C VAL A 463 -14.76 14.64 22.90
N SER A 464 -13.65 14.75 22.18
CA SER A 464 -12.66 15.75 22.53
C SER A 464 -11.70 15.92 21.38
N ILE A 465 -10.88 16.97 21.46
CA ILE A 465 -9.84 17.25 20.49
C ILE A 465 -8.57 17.63 21.24
N GLN A 466 -7.46 17.06 20.82
CA GLN A 466 -6.20 17.31 21.51
C GLN A 466 -5.15 17.59 20.45
N ASP A 467 -4.41 18.69 20.61
CA ASP A 467 -3.39 19.03 19.64
C ASP A 467 -2.09 18.29 19.96
N SER A 468 -1.20 18.24 18.96
CA SER A 468 0.00 17.44 19.12
C SER A 468 0.95 17.99 20.18
N LYS A 469 0.65 19.15 20.77
CA LYS A 469 1.41 19.68 21.90
C LYS A 469 0.82 19.26 23.24
N GLY A 470 -0.21 18.44 23.24
CA GLY A 470 -0.82 17.97 24.47
C GLY A 470 -1.90 18.85 25.05
N THR A 471 -2.22 19.96 24.40
CA THR A 471 -3.25 20.85 24.91
C THR A 471 -4.60 20.40 24.39
N THR A 472 -5.59 20.36 25.26
CA THR A 472 -6.91 19.89 24.89
C THR A 472 -7.82 21.07 24.62
N LEU A 473 -8.45 21.07 23.45
CA LEU A 473 -9.28 22.21 23.06
C LEU A 473 -10.58 22.19 23.84
N LYS A 474 -11.16 23.38 24.03
CA LYS A 474 -12.34 23.56 24.85
C LYS A 474 -13.56 23.59 23.93
N ALA A 475 -14.43 22.58 24.07
CA ALA A 475 -15.62 22.49 23.25
C ALA A 475 -16.47 23.74 23.37
N ASP A 476 -17.07 24.14 22.24
CA ASP A 476 -17.89 25.35 22.14
C ASP A 476 -17.09 26.62 22.41
N THR A 477 -15.78 26.51 22.65
CA THR A 477 -14.89 27.65 22.73
C THR A 477 -13.87 27.61 21.60
N ASP A 478 -12.98 26.63 21.57
CA ASP A 478 -12.04 26.54 20.47
C ASP A 478 -12.65 25.86 19.25
N TYR A 479 -13.83 25.25 19.37
CA TYR A 479 -14.48 24.59 18.26
C TYR A 479 -15.95 24.38 18.63
N THR A 480 -16.79 24.34 17.60
CA THR A 480 -18.18 23.88 17.73
C THR A 480 -18.46 22.88 16.62
N VAL A 481 -19.58 22.18 16.78
CA VAL A 481 -20.01 21.15 15.84
C VAL A 481 -21.39 21.54 15.37
N SER A 482 -21.54 21.85 14.09
CA SER A 482 -22.82 22.23 13.51
C SER A 482 -23.17 21.23 12.42
N GLY A 483 -24.22 20.45 12.64
CA GLY A 483 -24.55 19.37 11.72
C GLY A 483 -23.41 18.39 11.67
N SER A 484 -22.87 18.16 10.48
CA SER A 484 -21.66 17.38 10.31
C SER A 484 -20.43 18.26 10.10
N ASN A 485 -20.53 19.53 10.42
CA ASN A 485 -19.45 20.49 10.28
C ASN A 485 -18.80 20.71 11.62
N ILE A 486 -17.48 20.59 11.68
CA ILE A 486 -16.72 21.09 12.82
C ILE A 486 -16.11 22.43 12.39
N THR A 487 -16.39 23.47 13.17
CA THR A 487 -15.98 24.83 12.85
C THR A 487 -14.95 25.32 13.86
N PHE A 488 -13.87 25.92 13.36
CA PHE A 488 -12.85 26.49 14.23
C PHE A 488 -12.83 28.00 14.10
N PRO A 489 -12.95 28.72 15.21
CA PRO A 489 -12.98 30.18 15.15
C PRO A 489 -11.61 30.77 14.79
N ALA A 490 -11.66 31.91 14.08
CA ALA A 490 -10.42 32.58 13.68
C ALA A 490 -9.57 32.95 14.88
N SER A 491 -10.19 33.45 15.96
CA SER A 491 -9.43 33.80 17.15
C SER A 491 -8.63 32.62 17.65
N PHE A 492 -9.21 31.41 17.57
CA PHE A 492 -8.47 30.25 18.01
C PHE A 492 -7.34 29.92 17.04
N LEU A 493 -7.66 29.80 15.74
CA LEU A 493 -6.67 29.36 14.77
C LEU A 493 -5.51 30.32 14.68
N SER A 494 -5.74 31.61 14.96
CA SER A 494 -4.67 32.58 14.92
C SER A 494 -3.69 32.37 16.06
N THR A 495 -4.09 31.60 17.08
CA THR A 495 -3.06 31.21 18.05
C THR A 495 -2.13 30.15 17.48
N TYR A 496 -2.30 29.74 16.23
CA TYR A 496 -1.41 28.77 15.63
C TYR A 496 -0.70 29.29 14.39
N TYR A 497 -1.21 30.34 13.75
CA TYR A 497 -0.59 30.83 12.53
C TYR A 497 -1.16 32.20 12.26
N SER A 498 -0.43 32.97 11.46
CA SER A 498 -0.79 34.33 11.15
C SER A 498 -0.72 34.52 9.64
N GLU A 499 -1.01 35.74 9.22
CA GLU A 499 -0.87 36.11 7.82
C GLU A 499 0.57 36.01 7.33
N THR A 500 1.56 36.05 8.24
CA THR A 500 2.95 36.11 7.83
C THR A 500 3.85 35.01 8.40
N SER A 501 3.32 34.09 9.21
CA SER A 501 4.16 33.04 9.78
C SER A 501 4.69 32.13 8.68
N GLU A 502 5.74 31.37 9.00
CA GLU A 502 6.39 30.58 7.96
C GLU A 502 5.49 29.44 7.46
N PRO A 503 5.66 29.07 6.20
CA PRO A 503 4.98 27.88 5.70
C PRO A 503 5.53 26.62 6.38
N GLY A 504 4.77 25.54 6.25
CA GLY A 504 5.13 24.27 6.83
C GLY A 504 3.99 23.67 7.64
N LEU A 505 4.28 22.52 8.23
CA LEU A 505 3.32 21.77 9.03
C LEU A 505 3.30 22.29 10.45
N LEU A 506 2.16 22.82 10.87
CA LEU A 506 1.99 23.34 12.22
C LEU A 506 1.58 22.13 13.06
N PRO A 507 1.11 22.26 14.31
CA PRO A 507 0.64 21.04 15.01
C PRO A 507 -0.62 20.48 14.35
N ASN A 508 -1.00 19.27 14.75
CA ASN A 508 -2.23 18.66 14.24
C ASN A 508 -3.20 18.39 15.38
N PHE A 509 -4.46 18.19 15.02
CA PHE A 509 -5.55 17.99 15.96
C PHE A 509 -6.01 16.54 15.87
N THR A 510 -6.11 15.89 17.02
CA THR A 510 -6.57 14.50 17.07
C THR A 510 -7.98 14.45 17.64
N LEU A 511 -8.91 13.95 16.83
CA LEU A 511 -10.34 13.97 17.15
C LEU A 511 -10.75 12.62 17.73
N LYS A 512 -11.07 12.62 19.01
CA LYS A 512 -11.62 11.46 19.67
C LYS A 512 -13.12 11.45 19.49
N PHE A 513 -13.68 10.29 19.15
CA PHE A 513 -15.09 10.15 18.85
C PHE A 513 -15.73 9.12 19.78
N SER A 514 -17.06 8.96 19.64
CA SER A 514 -17.78 7.95 20.40
C SER A 514 -17.20 6.57 20.18
N SER A 515 -16.69 6.33 18.97
CA SER A 515 -16.21 5.01 18.61
C SER A 515 -15.27 5.15 17.43
N GLY A 516 -14.61 4.05 17.11
CA GLY A 516 -13.76 3.99 15.94
C GLY A 516 -12.47 4.78 16.11
N ALA A 517 -11.82 4.98 14.98
CA ALA A 517 -10.52 5.61 14.92
C ALA A 517 -10.61 7.06 15.40
N SER A 518 -9.44 7.64 15.67
CA SER A 518 -9.34 9.06 16.02
C SER A 518 -8.67 9.81 14.87
N PRO A 519 -9.42 10.43 13.99
CA PRO A 519 -8.80 11.07 12.82
C PRO A 519 -8.01 12.32 13.21
N VAL A 520 -7.09 12.69 12.33
CA VAL A 520 -6.10 13.73 12.61
C VAL A 520 -6.20 14.79 11.54
N VAL A 521 -6.45 16.02 11.97
CA VAL A 521 -6.50 17.18 11.07
C VAL A 521 -5.17 17.91 11.19
N GLN A 522 -4.49 18.10 10.07
CA GLN A 522 -3.14 18.66 10.02
C GLN A 522 -3.20 20.13 9.62
N LEU A 523 -2.83 21.02 10.54
CA LEU A 523 -2.71 22.42 10.18
C LEU A 523 -1.52 22.60 9.24
N VAL A 524 -1.74 23.31 8.14
CA VAL A 524 -0.67 23.53 7.17
C VAL A 524 -0.64 25.01 6.79
N GLN A 525 0.47 25.68 7.05
CA GLN A 525 0.68 27.03 6.49
C GLN A 525 1.38 26.86 5.16
N TRP A 526 0.71 27.24 4.08
CA TRP A 526 1.17 26.91 2.74
C TRP A 526 1.33 28.17 1.91
N ASP A 527 2.16 28.04 0.87
CA ASP A 527 2.48 29.08 -0.09
C ASP A 527 2.92 28.33 -1.35
N THR A 528 2.75 28.96 -2.50
CA THR A 528 3.25 28.36 -3.73
C THR A 528 4.75 28.07 -3.64
N PRO A 529 5.19 26.84 -3.85
CA PRO A 529 6.63 26.56 -3.78
C PRO A 529 7.39 27.33 -4.85
N THR A 530 8.72 27.32 -4.75
CA THR A 530 9.58 27.86 -5.81
C THR A 530 10.66 26.85 -6.15
N LEU A 531 10.99 26.76 -7.44
CA LEU A 531 11.97 25.83 -7.99
C LEU A 531 13.31 26.51 -8.24
N SER A 532 14.39 25.78 -8.01
CA SER A 532 15.73 26.33 -8.22
C SER A 532 15.97 26.66 -9.68
N LYS A 533 15.63 25.76 -10.58
CA LYS A 533 15.72 26.03 -12.01
C LYS A 533 14.32 26.04 -12.60
N THR A 534 14.16 26.81 -13.67
CA THR A 534 12.89 26.88 -14.37
C THR A 534 12.89 26.17 -15.71
N SER A 535 14.07 25.84 -16.25
CA SER A 535 14.17 25.05 -17.46
C SER A 535 15.56 24.44 -17.51
N ALA A 536 15.79 23.62 -18.53
CA ALA A 536 17.05 22.89 -18.73
C ALA A 536 17.03 22.24 -20.09
N ALA A 537 18.22 21.90 -20.59
CA ALA A 537 18.34 21.09 -21.80
C ALA A 537 18.32 19.63 -21.43
N ALA A 538 17.57 18.84 -22.21
CA ALA A 538 17.53 17.40 -22.00
C ALA A 538 18.94 16.83 -22.03
N SER A 539 19.74 17.24 -23.01
CA SER A 539 21.14 16.80 -23.07
C SER A 539 21.87 17.13 -21.78
N SER A 540 21.56 18.28 -21.19
CA SER A 540 22.31 18.70 -20.02
C SER A 540 21.92 17.93 -18.75
N ILE A 541 20.94 17.05 -18.79
CA ILE A 541 20.46 16.49 -17.52
C ILE A 541 20.24 14.99 -17.65
N SER A 542 20.66 14.44 -18.77
CA SER A 542 20.57 13.00 -18.97
C SER A 542 21.66 12.32 -18.14
N GLY A 543 21.86 11.02 -18.37
CA GLY A 543 22.69 10.24 -17.49
C GLY A 543 22.00 9.75 -16.25
N SER A 544 20.78 10.23 -15.94
CA SER A 544 20.14 9.88 -14.67
C SER A 544 18.73 10.48 -14.63
N ASP A 545 18.14 10.49 -13.44
CA ASP A 545 16.92 11.24 -13.21
C ASP A 545 17.20 12.73 -13.07
N LEU A 546 16.17 13.51 -13.33
CA LEU A 546 16.16 14.96 -13.14
C LEU A 546 15.68 15.30 -11.73
N SER A 547 16.62 15.63 -10.85
CA SER A 547 16.28 16.12 -9.51
C SER A 547 16.30 17.65 -9.54
N ILE A 548 15.17 18.26 -9.20
CA ILE A 548 15.10 19.72 -9.27
C ILE A 548 14.93 20.28 -7.86
N PRO A 549 15.92 20.96 -7.31
CA PRO A 549 15.79 21.49 -5.94
C PRO A 549 14.60 22.42 -5.80
N ILE A 550 13.90 22.29 -4.67
CA ILE A 550 12.64 22.96 -4.44
C ILE A 550 12.62 23.53 -3.03
N THR A 551 11.97 24.68 -2.88
CA THR A 551 11.64 25.22 -1.56
C THR A 551 10.20 24.81 -1.27
N TRP A 552 10.02 23.74 -0.48
CA TRP A 552 8.68 23.38 -0.03
C TRP A 552 8.12 24.48 0.84
N LYS A 553 6.82 24.74 0.72
CA LYS A 553 6.16 25.81 1.46
C LYS A 553 4.78 25.31 1.92
N GLY A 554 4.78 24.52 2.99
CA GLY A 554 3.59 23.83 3.45
C GLY A 554 3.81 22.34 3.48
N LEU A 555 3.04 21.59 2.70
CA LEU A 555 3.19 20.15 2.61
C LEU A 555 4.38 19.80 1.73
N PRO A 556 5.33 19.01 2.22
CA PRO A 556 6.46 18.60 1.39
C PRO A 556 6.13 17.40 0.50
N LYS A 557 4.97 17.47 -0.17
CA LYS A 557 4.47 16.40 -1.04
C LYS A 557 4.13 16.95 -2.41
N LEU A 558 4.51 16.19 -3.41
CA LEU A 558 4.09 16.43 -4.78
C LEU A 558 2.74 15.73 -5.00
N ALA A 559 1.73 16.47 -5.46
CA ALA A 559 0.43 15.83 -5.72
C ALA A 559 0.40 15.10 -7.07
N THR A 560 0.85 15.77 -8.12
CA THR A 560 0.95 15.18 -9.45
C THR A 560 1.80 16.13 -10.31
N VAL A 561 2.03 15.73 -11.55
CA VAL A 561 2.75 16.56 -12.50
C VAL A 561 2.04 16.52 -13.84
N LYS A 562 1.69 17.68 -14.37
CA LYS A 562 1.12 17.78 -15.69
C LYS A 562 2.24 17.92 -16.71
N ALA A 563 2.01 17.45 -17.93
CA ALA A 563 3.05 17.43 -18.95
C ALA A 563 2.43 17.68 -20.31
N LEU A 564 2.90 18.72 -21.00
CA LEU A 564 2.39 19.09 -22.31
C LEU A 564 3.53 19.50 -23.22
N LEU A 565 3.61 18.88 -24.39
CA LEU A 565 4.46 19.39 -25.44
C LEU A 565 4.07 20.82 -25.79
N ASN A 566 5.04 21.57 -26.31
CA ASN A 566 4.84 22.97 -26.65
C ASN A 566 3.64 23.22 -27.54
N ASN A 567 3.11 22.18 -28.19
CA ASN A 567 2.05 22.34 -29.18
C ASN A 567 0.69 21.84 -28.68
N GLY A 568 0.57 21.54 -27.39
CA GLY A 568 -0.69 21.19 -26.78
C GLY A 568 -0.90 19.71 -26.56
N THR A 569 -0.21 18.86 -27.32
CA THR A 569 -0.35 17.42 -27.17
C THR A 569 0.19 16.97 -25.80
N TYR A 570 -0.51 16.01 -25.18
CA TYR A 570 -0.08 15.44 -23.91
C TYR A 570 1.22 14.68 -24.09
N LEU A 571 2.14 14.82 -23.12
CA LEU A 571 3.40 14.09 -23.24
C LEU A 571 3.18 12.58 -23.17
N VAL A 572 2.30 12.13 -22.29
CA VAL A 572 1.95 10.71 -22.22
C VAL A 572 0.46 10.60 -21.94
N ASP A 573 -0.11 9.46 -22.36
CA ASP A 573 -1.40 8.99 -21.86
C ASP A 573 -2.53 9.96 -22.23
N ASP A 574 -2.81 10.01 -23.53
CA ASP A 574 -3.79 10.95 -24.07
C ASP A 574 -5.19 10.72 -23.51
N PHE A 575 -5.55 9.49 -23.16
CA PHE A 575 -6.87 9.20 -22.59
C PHE A 575 -7.15 9.96 -21.30
N THR A 576 -6.12 10.48 -20.61
CA THR A 576 -6.36 11.27 -19.42
C THR A 576 -7.14 12.55 -19.71
N GLN A 577 -7.34 12.91 -20.98
CA GLN A 577 -8.13 14.08 -21.33
C GLN A 577 -9.61 13.94 -20.91
N TRP A 578 -10.06 12.74 -20.54
CA TRP A 578 -11.37 12.54 -19.95
C TRP A 578 -11.35 12.59 -18.42
N PHE A 579 -10.24 12.96 -17.79
CA PHE A 579 -10.12 12.77 -16.34
C PHE A 579 -10.43 14.02 -15.54
N GLY A 580 -10.96 15.07 -16.17
CA GLY A 580 -11.35 16.26 -15.45
C GLY A 580 -10.22 17.28 -15.30
N PRO A 581 -10.51 18.37 -14.59
CA PRO A 581 -9.52 19.47 -14.49
C PRO A 581 -8.21 19.06 -13.81
N PHE A 582 -8.27 18.15 -12.84
CA PHE A 582 -7.10 17.73 -12.09
C PHE A 582 -6.48 16.46 -12.63
N GLY A 583 -6.94 15.97 -13.77
CA GLY A 583 -6.49 14.71 -14.31
C GLY A 583 -5.86 14.82 -15.69
N GLU A 584 -6.37 15.73 -16.52
CA GLU A 584 -5.91 15.75 -17.90
C GLU A 584 -4.44 16.12 -18.00
N ALA A 585 -3.72 15.39 -18.85
CA ALA A 585 -2.30 15.58 -19.09
C ALA A 585 -1.44 15.30 -17.85
N ARG A 586 -2.05 14.88 -16.73
CA ARG A 586 -1.22 14.50 -15.61
C ARG A 586 -0.55 13.15 -15.88
N THR A 587 0.50 12.90 -15.11
CA THR A 587 1.35 11.73 -15.26
C THR A 587 1.40 11.01 -13.92
N THR A 588 2.25 10.00 -13.84
CA THR A 588 2.14 8.98 -12.82
C THR A 588 3.39 8.91 -11.95
N TYR A 589 3.15 8.98 -10.64
CA TYR A 589 4.10 8.70 -9.57
C TYR A 589 5.06 7.58 -9.95
N SER A 590 6.29 7.68 -9.47
CA SER A 590 7.31 6.63 -9.63
C SER A 590 7.63 6.33 -11.08
N ASN A 591 6.64 6.21 -11.96
CA ASN A 591 6.95 5.96 -13.36
C ASN A 591 7.52 7.19 -14.02
N GLN A 592 6.89 8.34 -13.77
CA GLN A 592 7.27 9.60 -14.40
C GLN A 592 7.85 10.62 -13.44
N TRP A 593 7.33 10.71 -12.23
CA TRP A 593 7.77 11.73 -11.31
C TRP A 593 7.99 11.14 -9.91
N ASN A 594 8.53 11.96 -9.02
CA ASN A 594 8.86 11.59 -7.65
C ASN A 594 9.31 12.86 -6.92
N TRP A 595 9.81 12.69 -5.70
CA TRP A 595 10.25 13.80 -4.88
C TRP A 595 11.02 13.25 -3.68
N ASP A 596 11.87 14.09 -3.09
CA ASP A 596 12.54 13.72 -1.84
C ASP A 596 12.53 14.96 -0.94
N ASP A 597 13.34 14.93 0.13
N ASP A 597 13.35 14.93 0.12
CA ASP A 597 13.27 16.01 1.10
CA ASP A 597 13.34 16.01 1.11
C ASP A 597 13.64 17.36 0.49
C ASP A 597 13.65 17.35 0.49
N LYS A 598 14.38 17.38 -0.62
CA LYS A 598 14.84 18.63 -1.21
C LYS A 598 14.54 18.84 -2.69
N ASN A 599 13.94 17.87 -3.39
CA ASN A 599 13.80 17.96 -4.83
C ASN A 599 12.45 17.44 -5.28
N VAL A 600 12.02 17.94 -6.42
CA VAL A 600 11.02 17.24 -7.25
C VAL A 600 11.82 16.54 -8.33
N ILE A 601 11.33 15.38 -8.77
CA ILE A 601 12.08 14.53 -9.67
C ILE A 601 11.22 14.20 -10.88
N LEU A 602 11.82 14.34 -12.07
CA LEU A 602 11.32 13.72 -13.29
C LEU A 602 12.24 12.55 -13.59
N THR A 603 11.66 11.36 -13.82
CA THR A 603 12.49 10.18 -13.99
C THR A 603 13.17 10.20 -15.36
N GLN A 604 14.30 9.48 -15.47
CA GLN A 604 15.03 9.43 -16.74
C GLN A 604 14.11 8.99 -17.85
N ALA A 605 13.10 8.18 -17.52
CA ALA A 605 12.10 7.78 -18.50
C ALA A 605 11.38 8.99 -19.06
N THR A 606 10.90 9.87 -18.17
CA THR A 606 10.22 11.08 -18.61
C THR A 606 11.10 11.94 -19.51
N VAL A 607 12.39 12.10 -19.16
CA VAL A 607 13.25 12.92 -20.02
C VAL A 607 13.51 12.21 -21.34
N GLU A 608 13.32 10.88 -21.39
CA GLU A 608 13.41 10.17 -22.66
C GLU A 608 12.18 10.44 -23.53
N ALA A 609 11.01 10.59 -22.91
CA ALA A 609 9.81 10.94 -23.65
C ALA A 609 9.97 12.29 -24.34
N VAL A 610 10.62 13.24 -23.67
CA VAL A 610 10.77 14.58 -24.22
C VAL A 610 11.73 14.56 -25.40
N VAL A 611 12.82 13.81 -25.28
CA VAL A 611 13.72 13.61 -26.41
C VAL A 611 12.95 13.05 -27.61
N ALA A 612 12.27 11.91 -27.41
CA ALA A 612 11.61 11.24 -28.51
C ALA A 612 10.47 12.06 -29.10
N ALA A 613 9.81 12.89 -28.27
CA ALA A 613 8.80 13.81 -28.79
C ALA A 613 9.39 14.93 -29.63
N GLY A 614 10.69 15.21 -29.48
CA GLY A 614 11.35 16.23 -30.27
C GLY A 614 10.73 17.60 -30.10
N GLN A 615 10.48 17.98 -28.85
CA GLN A 615 9.73 19.20 -28.60
C GLN A 615 9.95 19.61 -27.15
N ASP A 616 10.11 20.91 -26.93
CA ASP A 616 10.16 21.45 -25.57
C ASP A 616 8.81 21.23 -24.92
N THR A 617 8.79 20.55 -23.77
CA THR A 617 7.53 20.24 -23.11
C THR A 617 7.53 20.83 -21.71
N VAL A 618 6.34 21.24 -21.27
CA VAL A 618 6.18 22.00 -20.04
C VAL A 618 5.57 21.10 -18.97
N PHE A 619 6.33 20.88 -17.91
CA PHE A 619 5.89 20.16 -16.73
C PHE A 619 5.35 21.17 -15.72
N THR A 620 4.21 20.86 -15.11
CA THR A 620 3.64 21.66 -14.04
C THR A 620 3.63 20.80 -12.78
N PHE A 621 4.43 21.16 -11.79
CA PHE A 621 4.37 20.43 -10.54
C PHE A 621 3.21 20.97 -9.72
N GLU A 622 2.52 20.09 -8.99
CA GLU A 622 1.30 20.47 -8.30
C GLU A 622 1.32 19.95 -6.88
N PHE A 623 0.80 20.76 -5.97
CA PHE A 623 0.97 20.54 -4.55
C PHE A 623 -0.38 20.62 -3.87
N PHE A 624 -0.41 20.21 -2.62
CA PHE A 624 -1.62 20.35 -1.84
C PHE A 624 -1.55 21.64 -1.04
N PRO A 625 -2.68 22.34 -0.85
CA PRO A 625 -4.02 22.01 -1.37
C PRO A 625 -4.09 22.20 -2.88
N ARG A 626 -4.97 21.44 -3.51
CA ARG A 626 -5.24 21.63 -4.95
C ARG A 626 -6.45 22.55 -5.06
N VAL A 627 -6.20 23.83 -4.78
CA VAL A 627 -7.28 24.82 -4.73
C VAL A 627 -7.72 25.21 -6.12
N ASP A 628 -6.90 24.96 -7.11
CA ASP A 628 -7.27 25.10 -8.51
C ASP A 628 -6.20 24.37 -9.29
N THR A 629 -6.11 24.62 -10.58
CA THR A 629 -5.10 23.93 -11.36
C THR A 629 -3.86 24.79 -11.62
N THR A 630 -3.72 25.95 -10.97
CA THR A 630 -2.61 26.83 -11.30
C THR A 630 -1.88 27.46 -10.12
N THR A 631 -2.61 27.91 -9.09
CA THR A 631 -2.04 28.73 -8.04
C THR A 631 -0.91 28.03 -7.29
N ASN A 632 -1.23 26.91 -6.64
CA ASN A 632 -0.27 26.12 -5.88
C ASN A 632 0.48 25.14 -6.78
N THR A 633 1.10 25.67 -7.84
CA THR A 633 1.82 24.89 -8.83
C THR A 633 3.05 25.67 -9.28
N VAL A 634 4.08 24.96 -9.72
CA VAL A 634 5.24 25.60 -10.32
C VAL A 634 5.50 24.95 -11.66
N ASN A 635 5.99 25.75 -12.59
CA ASN A 635 6.20 25.34 -13.97
C ASN A 635 7.68 25.08 -14.20
N PHE A 636 7.98 24.18 -15.12
CA PHE A 636 9.38 23.91 -15.45
C PHE A 636 9.41 23.33 -16.85
N THR A 637 10.15 23.94 -17.77
CA THR A 637 10.14 23.40 -19.11
C THR A 637 11.45 22.68 -19.41
N LEU A 638 11.41 21.74 -20.35
CA LEU A 638 12.55 20.89 -20.67
C LEU A 638 12.85 21.06 -22.15
N THR A 639 13.96 21.74 -22.45
CA THR A 639 14.33 22.00 -23.82
C THR A 639 15.07 20.79 -24.40
N VAL A 640 15.17 20.75 -25.72
CA VAL A 640 15.72 19.59 -26.40
C VAL A 640 16.56 19.98 -27.60
#